data_1XUO
#
_entry.id   1XUO
#
_cell.length_a   46.259
_cell.length_b   59.995
_cell.length_c   142.616
_cell.angle_alpha   90.00
_cell.angle_beta   90.00
_cell.angle_gamma   90.00
#
_symmetry.space_group_name_H-M   'P 21 21 21'
#
loop_
_entity.id
_entity.type
_entity.pdbx_description
1 polymer 'Integrin alpha-L'
2 non-polymer 'MAGNESIUM ION'
3 non-polymer (2R)-2-[3-ISOBUTYL-2,5-DIOXO-4-(QUINOLIN-3-YLMETHYL)-1,4-DIAZEPAN-1-YL]-N-METHYL-3-(2-NAPHTHYL)PROPANAMIDE
4 water water
#
_entity_poly.entity_id   1
_entity_poly.type   'polypeptide(L)'
_entity_poly.pdbx_seq_one_letter_code
;MASKGNVDLVFLFDGSMSLQPDEFQKILDFMKDVMKKLSNTSYQFAAVQFSTSYKTEFDFSDYVKWKDPDALLKHVKHML
LLTNTFGAINYVATEVFREELGARPDATKVLIIITDGEATDSGNIDAAKDIIRYIIGIGKHFQTKESQETLHKFASKPAS
EFVKILDTFEKLKDLFTELQKKIYVIEG
;
_entity_poly.pdbx_strand_id   A,B
#
loop_
_chem_comp.id
_chem_comp.type
_chem_comp.name
_chem_comp.formula
LA1 non-polymer (2R)-2-[3-ISOBUTYL-2,5-DIOXO-4-(QUINOLIN-3-YLMETHYL)-1,4-DIAZEPAN-1-YL]-N-METHYL-3-(2-NAPHTHYL)PROPANAMIDE 'C33 H36 N4 O3'
MG non-polymer 'MAGNESIUM ION' 'Mg 2'
#
# COMPACT_ATOMS: atom_id res chain seq x y z
N GLY A 5 1.85 12.68 -7.82
CA GLY A 5 1.04 13.56 -6.95
C GLY A 5 1.77 14.02 -5.69
N ASN A 6 1.02 14.58 -4.74
CA ASN A 6 1.58 15.21 -3.56
C ASN A 6 1.53 14.26 -2.36
N VAL A 7 2.64 14.20 -1.61
CA VAL A 7 2.67 13.38 -0.40
C VAL A 7 3.07 14.25 0.79
N ASP A 8 2.24 14.25 1.83
CA ASP A 8 2.55 14.94 3.07
C ASP A 8 2.99 13.84 4.04
N LEU A 9 4.26 13.87 4.43
CA LEU A 9 4.85 12.78 5.23
C LEU A 9 5.34 13.33 6.57
N VAL A 10 4.93 12.67 7.64
CA VAL A 10 5.35 13.03 8.98
C VAL A 10 6.22 11.90 9.54
N PHE A 11 7.35 12.27 10.12
CA PHE A 11 8.20 11.38 10.91
C PHE A 11 7.77 11.51 12.37
N LEU A 12 7.39 10.41 12.98
CA LEU A 12 7.09 10.37 14.40
C LEU A 12 8.22 9.55 15.03
N PHE A 13 9.09 10.21 15.78
CA PHE A 13 10.31 9.57 16.24
C PHE A 13 10.41 9.54 17.76
N ASP A 14 10.71 8.36 18.24
CA ASP A 14 10.90 8.01 19.64
C ASP A 14 12.06 8.78 20.29
N GLY A 15 11.73 9.49 21.38
CA GLY A 15 12.69 10.20 22.23
C GLY A 15 12.73 9.64 23.65
N SER A 16 12.50 8.34 23.78
CA SER A 16 12.37 7.68 25.06
C SER A 16 13.68 7.53 25.82
N MET A 17 13.56 7.28 27.12
CA MET A 17 14.71 7.16 28.01
C MET A 17 15.63 5.97 27.74
N SER A 18 15.17 4.99 26.97
CA SER A 18 15.95 3.78 26.66
C SER A 18 17.02 4.04 25.60
N LEU A 19 16.92 5.13 24.86
CA LEU A 19 17.87 5.43 23.79
C LEU A 19 19.11 6.09 24.37
N GLN A 20 20.27 5.61 23.97
CA GLN A 20 21.54 6.31 24.21
C GLN A 20 21.64 7.55 23.30
N PRO A 21 22.43 8.55 23.68
CA PRO A 21 22.64 9.70 22.82
C PRO A 21 23.06 9.31 21.39
N ASP A 22 23.97 8.35 21.24
CA ASP A 22 24.42 7.92 19.91
C ASP A 22 23.28 7.32 19.06
N GLU A 23 22.38 6.63 19.72
CA GLU A 23 21.24 6.00 19.08
C GLU A 23 20.21 7.03 18.63
N PHE A 24 19.91 7.98 19.49
CA PHE A 24 19.02 9.08 19.15
C PHE A 24 19.56 9.87 17.94
N GLN A 25 20.86 10.12 17.92
CA GLN A 25 21.44 10.83 16.77
C GLN A 25 21.33 10.06 15.47
N LYS A 26 21.43 8.73 15.51
CA LYS A 26 21.24 7.91 14.31
C LYS A 26 19.81 8.01 13.75
N ILE A 27 18.80 8.13 14.62
CA ILE A 27 17.43 8.38 14.17
C ILE A 27 17.33 9.74 13.45
N LEU A 28 17.95 10.76 14.02
CA LEU A 28 17.92 12.08 13.43
C LEU A 28 18.58 12.06 12.06
N ASP A 29 19.72 11.40 11.96
CA ASP A 29 20.48 11.37 10.71
C ASP A 29 19.71 10.63 9.62
N PHE A 30 18.98 9.59 10.01
CA PHE A 30 18.15 8.84 9.07
C PHE A 30 17.06 9.73 8.49
N MET A 31 16.37 10.48 9.33
CA MET A 31 15.32 11.37 8.87
C MET A 31 15.93 12.37 7.88
N LYS A 32 17.09 12.92 8.24
CA LYS A 32 17.78 13.85 7.33
C LYS A 32 18.15 13.23 5.98
N ASP A 33 18.64 11.99 5.98
CA ASP A 33 18.97 11.27 4.75
C ASP A 33 17.75 11.08 3.86
N VAL A 34 16.61 10.76 4.45
CA VAL A 34 15.39 10.53 3.69
C VAL A 34 14.91 11.83 3.07
N MET A 35 14.96 12.90 3.86
CA MET A 35 14.50 14.20 3.38
C MET A 35 15.39 14.75 2.26
N LYS A 36 16.70 14.55 2.38
CA LYS A 36 17.66 14.95 1.35
C LYS A 36 17.48 14.20 0.03
N LYS A 37 17.20 12.89 0.12
CA LYS A 37 16.92 12.08 -1.07
C LYS A 37 15.69 12.59 -1.82
N LEU A 38 14.70 13.08 -1.09
CA LEU A 38 13.43 13.49 -1.65
C LEU A 38 13.30 15.02 -1.78
N SER A 39 14.43 15.74 -1.80
CA SER A 39 14.36 17.18 -1.95
C SER A 39 13.92 17.45 -3.39
N ASN A 40 13.23 18.55 -3.62
CA ASN A 40 12.79 18.83 -5.00
C ASN A 40 11.96 17.69 -5.59
N THR A 41 11.06 17.16 -4.78
CA THR A 41 9.98 16.32 -5.24
C THR A 41 8.73 16.96 -4.69
N SER A 42 7.60 16.32 -4.93
CA SER A 42 6.32 16.79 -4.39
C SER A 42 6.05 16.32 -2.95
N TYR A 43 7.03 15.71 -2.29
CA TYR A 43 6.93 15.43 -0.85
C TYR A 43 7.12 16.72 -0.03
N GLN A 44 6.33 16.85 1.02
CA GLN A 44 6.46 17.85 2.05
C GLN A 44 6.57 17.10 3.40
N PHE A 45 7.37 17.61 4.34
CA PHE A 45 7.65 16.92 5.62
C PHE A 45 7.32 17.69 6.89
N ALA A 46 7.01 16.94 7.95
CA ALA A 46 6.94 17.46 9.31
C ALA A 46 7.59 16.41 10.21
N ALA A 47 8.07 16.82 11.36
CA ALA A 47 8.64 15.85 12.32
C ALA A 47 8.13 16.10 13.74
N VAL A 48 7.75 15.03 14.43
CA VAL A 48 7.20 15.07 15.77
C VAL A 48 8.00 14.10 16.63
N GLN A 49 8.56 14.61 17.73
CA GLN A 49 9.20 13.78 18.74
C GLN A 49 8.14 13.36 19.73
N PHE A 50 8.18 12.10 20.11
CA PHE A 50 7.28 11.59 21.12
C PHE A 50 8.02 10.79 22.17
N SER A 51 7.57 10.98 23.40
CA SER A 51 8.00 10.16 24.53
C SER A 51 6.80 10.03 25.45
N THR A 52 6.82 10.70 26.60
CA THR A 52 5.61 10.77 27.42
C THR A 52 4.63 11.74 26.79
N SER A 53 5.15 12.85 26.32
CA SER A 53 4.38 13.85 25.60
C SER A 53 4.92 14.03 24.17
N TYR A 54 4.35 15.00 23.46
CA TYR A 54 4.55 15.11 22.01
C TYR A 54 4.97 16.53 21.69
N LYS A 55 5.96 16.68 20.81
CA LYS A 55 6.40 18.00 20.34
C LYS A 55 6.56 18.02 18.82
N THR A 56 5.90 18.96 18.16
CA THR A 56 6.14 19.18 16.74
C THR A 56 7.45 19.95 16.59
N GLU A 57 8.47 19.29 16.03
CA GLU A 57 9.78 19.87 15.94
C GLU A 57 9.86 20.80 14.75
N PHE A 58 9.18 20.43 13.67
CA PHE A 58 8.89 21.35 12.58
C PHE A 58 7.65 20.90 11.84
N ASP A 59 6.89 21.87 11.31
CA ASP A 59 5.69 21.56 10.56
C ASP A 59 5.87 21.75 9.06
N PHE A 60 4.83 21.45 8.30
CA PHE A 60 4.93 21.45 6.86
C PHE A 60 5.34 22.84 6.38
N SER A 61 4.79 23.89 6.99
CA SER A 61 5.11 25.28 6.61
C SER A 61 6.56 25.63 6.83
N ASP A 62 7.13 25.11 7.92
CA ASP A 62 8.55 25.26 8.21
C ASP A 62 9.40 24.60 7.16
N TYR A 63 9.03 23.40 6.73
CA TYR A 63 9.78 22.70 5.70
C TYR A 63 9.79 23.48 4.39
N VAL A 64 8.62 23.94 3.97
CA VAL A 64 8.48 24.71 2.73
C VAL A 64 9.34 25.98 2.77
N LYS A 65 9.43 26.61 3.93
CA LYS A 65 10.26 27.81 4.13
C LYS A 65 11.77 27.53 4.03
N TRP A 66 12.26 26.59 4.82
CA TRP A 66 13.72 26.39 4.97
C TRP A 66 14.30 25.29 4.07
N LYS A 67 13.50 24.27 3.73
CA LYS A 67 13.94 23.15 2.89
C LYS A 67 15.37 22.69 3.19
N ASP A 68 15.73 22.71 4.48
CA ASP A 68 17.07 22.35 4.92
C ASP A 68 16.92 21.47 6.16
N PRO A 69 16.98 20.15 5.98
CA PRO A 69 16.90 19.18 7.08
C PRO A 69 17.84 19.45 8.27
N ASP A 70 19.09 19.80 8.00
CA ASP A 70 20.04 20.08 9.08
C ASP A 70 19.56 21.26 9.94
N ALA A 71 19.08 22.31 9.28
CA ALA A 71 18.56 23.48 9.99
C ALA A 71 17.28 23.16 10.75
N LEU A 72 16.41 22.38 10.13
CA LEU A 72 15.12 22.06 10.73
C LEU A 72 15.20 21.19 11.99
N LEU A 73 16.27 20.41 12.14
CA LEU A 73 16.40 19.50 13.29
C LEU A 73 17.54 19.90 14.23
N LYS A 74 18.04 21.13 14.07
CA LYS A 74 19.18 21.56 14.86
C LYS A 74 18.85 21.69 16.35
N HIS A 75 17.66 22.17 16.68
CA HIS A 75 17.32 22.50 18.06
C HIS A 75 16.63 21.38 18.82
N VAL A 76 16.62 20.16 18.26
CA VAL A 76 15.90 19.04 18.90
C VAL A 76 16.58 18.62 20.20
N LYS A 77 15.78 18.47 21.25
CA LYS A 77 16.27 18.03 22.56
C LYS A 77 15.61 16.72 22.94
N HIS A 78 16.44 15.74 23.28
CA HIS A 78 15.99 14.37 23.59
C HIS A 78 15.15 14.40 24.88
N MET A 79 13.89 13.98 24.79
CA MET A 79 12.95 14.08 25.90
C MET A 79 13.30 13.21 27.08
N LEU A 80 13.73 11.97 26.80
CA LEU A 80 14.19 11.02 27.82
C LEU A 80 13.12 10.54 28.80
N LEU A 81 11.90 10.29 28.30
CA LEU A 81 10.82 9.78 29.14
C LEU A 81 10.26 8.45 28.59
N LEU A 82 8.94 8.26 28.60
CA LEU A 82 8.36 6.95 28.27
C LEU A 82 7.94 6.90 26.80
N THR A 83 6.98 6.05 26.44
CA THR A 83 6.69 5.75 25.04
C THR A 83 5.20 5.67 24.78
N ASN A 84 4.56 6.84 24.78
CA ASN A 84 3.09 6.90 24.66
C ASN A 84 2.64 6.97 23.19
N THR A 85 2.83 5.85 22.51
CA THR A 85 2.64 5.76 21.07
C THR A 85 1.19 5.98 20.63
N PHE A 86 0.24 5.43 21.36
CA PHE A 86 -1.15 5.62 21.00
C PHE A 86 -1.47 7.11 21.00
N GLY A 87 -1.13 7.80 22.09
CA GLY A 87 -1.36 9.23 22.17
C GLY A 87 -0.65 10.02 21.09
N ALA A 88 0.56 9.59 20.75
CA ALA A 88 1.38 10.24 19.75
C ALA A 88 0.74 10.18 18.35
N ILE A 89 0.25 9.01 17.99
CA ILE A 89 -0.41 8.84 16.69
C ILE A 89 -1.66 9.71 16.62
N ASN A 90 -2.46 9.68 17.66
CA ASN A 90 -3.61 10.56 17.75
C ASN A 90 -3.25 12.05 17.66
N TYR A 91 -2.14 12.44 18.28
CA TYR A 91 -1.67 13.81 18.21
C TYR A 91 -1.33 14.21 16.76
N VAL A 92 -0.63 13.33 16.04
CA VAL A 92 -0.30 13.62 14.65
C VAL A 92 -1.58 13.75 13.80
N ALA A 93 -2.51 12.84 14.00
CA ALA A 93 -3.73 12.82 13.19
C ALA A 93 -4.53 14.12 13.34
N THR A 94 -4.57 14.65 14.56
CA THR A 94 -5.45 15.78 14.89
C THR A 94 -4.74 17.15 14.93
N GLU A 95 -3.45 17.17 15.26
CA GLU A 95 -2.73 18.42 15.48
C GLU A 95 -1.68 18.77 14.42
N VAL A 96 -1.26 17.80 13.60
CA VAL A 96 -0.19 18.03 12.62
C VAL A 96 -0.70 18.07 11.19
N PHE A 97 -1.63 17.19 10.84
CA PHE A 97 -2.22 17.19 9.51
C PHE A 97 -3.35 18.21 9.50
N ARG A 98 -2.96 19.48 9.56
CA ARG A 98 -3.89 20.60 9.61
C ARG A 98 -3.51 21.59 8.53
N GLU A 99 -4.50 22.04 7.76
CA GLU A 99 -4.25 23.02 6.68
C GLU A 99 -3.47 24.23 7.18
N GLU A 100 -3.75 24.64 8.41
CA GLU A 100 -3.14 25.84 9.01
C GLU A 100 -1.64 25.71 9.18
N LEU A 101 -1.16 24.48 9.33
CA LEU A 101 0.26 24.22 9.51
C LEU A 101 0.93 23.77 8.23
N GLY A 102 0.23 23.91 7.10
CA GLY A 102 0.83 23.69 5.79
C GLY A 102 0.50 22.39 5.11
N ALA A 103 -0.36 21.57 5.73
CA ALA A 103 -0.86 20.35 5.09
C ALA A 103 -1.73 20.64 3.88
N ARG A 104 -1.57 19.83 2.83
CA ARG A 104 -2.33 19.98 1.59
C ARG A 104 -3.51 19.02 1.56
N PRO A 105 -4.72 19.57 1.38
CA PRO A 105 -5.95 18.76 1.25
C PRO A 105 -5.90 17.64 0.19
N ASP A 106 -5.15 17.84 -0.88
CA ASP A 106 -5.10 16.87 -1.97
C ASP A 106 -4.09 15.74 -1.75
N ALA A 107 -3.29 15.84 -0.69
CA ALA A 107 -2.11 15.00 -0.55
C ALA A 107 -2.41 13.67 0.13
N THR A 108 -1.66 12.67 -0.26
CA THR A 108 -1.63 11.38 0.42
C THR A 108 -0.92 11.60 1.74
N LYS A 109 -1.52 11.12 2.82
CA LYS A 109 -0.98 11.32 4.17
C LYS A 109 -0.18 10.09 4.57
N VAL A 110 1.07 10.29 4.98
CA VAL A 110 1.93 9.15 5.35
C VAL A 110 2.59 9.44 6.68
N LEU A 111 2.68 8.44 7.53
CA LEU A 111 3.33 8.57 8.82
C LEU A 111 4.39 7.49 8.91
N ILE A 112 5.62 7.87 9.22
CA ILE A 112 6.71 6.90 9.48
C ILE A 112 7.00 6.97 10.97
N ILE A 113 6.80 5.85 11.69
CA ILE A 113 7.08 5.79 13.11
C ILE A 113 8.39 5.06 13.34
N ILE A 114 9.29 5.65 14.11
CA ILE A 114 10.56 5.02 14.44
C ILE A 114 10.62 4.87 15.96
N THR A 115 10.76 3.63 16.45
CA THR A 115 10.65 3.39 17.88
C THR A 115 11.60 2.29 18.36
N ASP A 116 11.98 2.33 19.63
CA ASP A 116 12.80 1.27 20.21
C ASP A 116 12.11 0.48 21.32
N GLY A 117 10.78 0.59 21.42
CA GLY A 117 10.08 -0.08 22.50
C GLY A 117 8.60 -0.24 22.27
N GLU A 118 8.01 -1.05 23.12
CA GLU A 118 6.55 -1.22 23.17
C GLU A 118 5.93 0.04 23.75
N ALA A 119 4.68 0.29 23.36
CA ALA A 119 3.94 1.42 23.89
C ALA A 119 3.68 1.27 25.38
N THR A 120 3.81 2.36 26.12
CA THR A 120 3.48 2.36 27.54
C THR A 120 2.07 2.89 27.80
N ASP A 121 1.34 3.27 26.75
CA ASP A 121 -0.05 3.66 26.89
C ASP A 121 -0.98 2.69 26.15
N SER A 122 -2.26 3.03 26.07
CA SER A 122 -3.23 2.22 25.36
C SER A 122 -4.29 3.14 24.79
N GLY A 123 -5.14 2.59 23.95
CA GLY A 123 -6.22 3.35 23.34
C GLY A 123 -6.55 2.77 21.99
N ASN A 124 -6.93 3.64 21.08
CA ASN A 124 -7.17 3.25 19.71
C ASN A 124 -6.57 4.31 18.82
N ILE A 125 -6.44 4.02 17.54
CA ILE A 125 -5.95 5.02 16.59
C ILE A 125 -6.94 5.21 15.44
N ASP A 126 -8.23 5.16 15.75
CA ASP A 126 -9.28 5.34 14.74
C ASP A 126 -9.14 6.63 13.97
N ALA A 127 -8.72 7.69 14.66
CA ALA A 127 -8.52 9.00 14.04
C ALA A 127 -7.46 8.98 12.94
N ALA A 128 -6.57 7.99 12.96
CA ALA A 128 -5.48 7.91 11.99
C ALA A 128 -5.74 6.88 10.87
N LYS A 129 -6.97 6.40 10.76
CA LYS A 129 -7.34 5.33 9.82
C LYS A 129 -6.97 5.65 8.36
N ASP A 130 -7.07 6.91 7.97
CA ASP A 130 -6.81 7.31 6.60
C ASP A 130 -5.33 7.57 6.30
N ILE A 131 -4.47 7.49 7.32
CA ILE A 131 -3.07 7.81 7.10
C ILE A 131 -2.36 6.49 6.83
N ILE A 132 -1.47 6.46 5.86
CA ILE A 132 -0.67 5.26 5.61
C ILE A 132 0.44 5.26 6.65
N ARG A 133 0.56 4.16 7.40
CA ARG A 133 1.46 4.07 8.56
C ARG A 133 2.50 2.98 8.37
N TYR A 134 3.78 3.38 8.38
CA TYR A 134 4.92 2.46 8.23
C TYR A 134 5.71 2.54 9.52
N ILE A 135 5.99 1.41 10.14
CA ILE A 135 6.67 1.42 11.46
C ILE A 135 8.01 0.72 11.37
N ILE A 136 9.03 1.37 11.92
CA ILE A 136 10.38 0.81 12.06
C ILE A 136 10.61 0.58 13.55
N GLY A 137 10.78 -0.67 13.94
CA GLY A 137 11.10 -1.07 15.31
C GLY A 137 12.57 -1.46 15.37
N ILE A 138 13.31 -0.92 16.34
CA ILE A 138 14.73 -1.15 16.39
C ILE A 138 15.17 -1.74 17.70
N GLY A 139 16.00 -2.76 17.62
CA GLY A 139 16.75 -3.21 18.81
C GLY A 139 16.18 -4.37 19.56
N LYS A 140 16.79 -4.63 20.72
CA LYS A 140 16.55 -5.85 21.47
C LYS A 140 15.15 -5.99 22.01
N HIS A 141 14.42 -4.89 22.13
CA HIS A 141 13.05 -5.00 22.58
C HIS A 141 12.14 -5.73 21.60
N PHE A 142 12.60 -5.93 20.37
CA PHE A 142 11.81 -6.60 19.34
C PHE A 142 12.47 -7.90 18.88
N GLN A 143 13.13 -8.57 19.80
CA GLN A 143 13.84 -9.80 19.50
C GLN A 143 12.85 -10.95 19.31
N THR A 144 11.75 -10.93 20.07
CA THR A 144 10.74 -12.00 20.03
C THR A 144 9.60 -11.67 19.10
N LYS A 145 8.99 -12.71 18.51
CA LYS A 145 7.83 -12.52 17.66
C LYS A 145 6.69 -11.81 18.39
N GLU A 146 6.48 -12.14 19.67
CA GLU A 146 5.41 -11.55 20.45
C GLU A 146 5.52 -10.03 20.59
N SER A 147 6.74 -9.54 20.82
CA SER A 147 6.95 -8.10 20.93
C SER A 147 6.81 -7.41 19.57
N GLN A 148 7.26 -8.09 18.51
CA GLN A 148 7.14 -7.57 17.14
C GLN A 148 5.68 -7.37 16.78
N GLU A 149 4.85 -8.33 17.19
CA GLU A 149 3.44 -8.30 16.84
C GLU A 149 2.68 -7.15 17.52
N THR A 150 3.23 -6.59 18.60
CA THR A 150 2.59 -5.39 19.22
C THR A 150 2.62 -4.19 18.27
N LEU A 151 3.61 -4.13 17.38
CA LEU A 151 3.70 -3.03 16.42
C LEU A 151 2.70 -3.12 15.28
N HIS A 152 2.16 -4.31 15.02
CA HIS A 152 1.22 -4.49 13.92
C HIS A 152 -0.01 -3.61 14.09
N LYS A 153 -0.40 -3.34 15.33
CA LYS A 153 -1.63 -2.55 15.54
C LYS A 153 -1.46 -1.08 15.21
N PHE A 154 -0.22 -0.61 15.09
CA PHE A 154 0.01 0.79 14.68
C PHE A 154 0.13 0.93 13.19
N ALA A 155 0.47 -0.16 12.51
CA ALA A 155 0.83 -0.10 11.11
C ALA A 155 -0.38 -0.26 10.18
N SER A 156 -0.25 0.22 8.96
CA SER A 156 -1.22 -0.13 7.90
C SER A 156 -1.15 -1.64 7.62
N LYS A 157 -2.17 -2.16 6.94
CA LYS A 157 -2.22 -3.59 6.61
C LYS A 157 -1.90 -3.80 5.13
N PRO A 158 -1.28 -4.93 4.76
CA PRO A 158 -0.84 -5.97 5.68
C PRO A 158 0.47 -5.62 6.43
N ALA A 159 0.61 -6.14 7.64
CA ALA A 159 1.80 -5.85 8.44
C ALA A 159 3.12 -6.22 7.78
N SER A 160 3.10 -7.25 6.91
CA SER A 160 4.32 -7.68 6.23
C SER A 160 4.89 -6.60 5.33
N GLU A 161 4.05 -5.67 4.90
CA GLU A 161 4.50 -4.57 4.06
C GLU A 161 4.78 -3.27 4.80
N PHE A 162 4.30 -3.16 6.03
CA PHE A 162 4.34 -1.90 6.75
C PHE A 162 5.05 -1.91 8.07
N VAL A 163 5.66 -3.03 8.41
CA VAL A 163 6.47 -3.14 9.63
C VAL A 163 7.84 -3.65 9.26
N LYS A 164 8.88 -2.95 9.72
CA LYS A 164 10.25 -3.37 9.52
C LYS A 164 10.95 -3.46 10.86
N ILE A 165 11.53 -4.61 11.16
CA ILE A 165 12.28 -4.79 12.43
C ILE A 165 13.77 -4.75 12.12
N LEU A 166 14.52 -3.89 12.81
CA LEU A 166 15.96 -3.75 12.65
C LEU A 166 16.65 -4.23 13.93
N ASP A 167 17.68 -5.05 13.83
CA ASP A 167 18.38 -5.50 15.04
C ASP A 167 19.27 -4.44 15.70
N THR A 168 19.84 -3.53 14.92
CA THR A 168 20.67 -2.46 15.47
C THR A 168 20.37 -1.11 14.85
N PHE A 169 20.84 -0.05 15.50
CA PHE A 169 20.67 1.30 14.97
C PHE A 169 21.52 1.54 13.73
N GLU A 170 22.64 0.82 13.60
CA GLU A 170 23.45 0.89 12.37
C GLU A 170 22.69 0.46 11.11
N LYS A 171 21.69 -0.39 11.27
CA LYS A 171 20.86 -0.81 10.14
C LYS A 171 20.05 0.32 9.50
N LEU A 172 19.80 1.43 10.19
CA LEU A 172 19.09 2.54 9.55
C LEU A 172 19.89 3.04 8.35
N LYS A 173 21.20 3.23 8.53
CA LYS A 173 22.03 3.69 7.42
C LYS A 173 22.21 2.58 6.38
N ASP A 174 22.41 1.35 6.85
CA ASP A 174 22.64 0.23 5.91
C ASP A 174 21.44 0.02 5.01
N LEU A 175 20.23 0.05 5.58
CA LEU A 175 19.03 -0.13 4.78
C LEU A 175 18.76 1.06 3.90
N PHE A 176 19.08 2.26 4.36
CA PHE A 176 18.99 3.42 3.50
C PHE A 176 19.90 3.23 2.26
N THR A 177 21.15 2.87 2.48
CA THR A 177 22.07 2.60 1.36
C THR A 177 21.52 1.55 0.39
N GLU A 178 21.01 0.48 0.95
CA GLU A 178 20.54 -0.67 0.19
C GLU A 178 19.31 -0.36 -0.64
N LEU A 179 18.37 0.41 -0.07
CA LEU A 179 17.03 0.56 -0.62
C LEU A 179 16.69 1.98 -1.06
N GLN A 180 17.66 2.89 -1.08
CA GLN A 180 17.36 4.31 -1.35
C GLN A 180 16.63 4.56 -2.69
N LYS A 181 16.88 3.74 -3.70
CA LYS A 181 16.17 3.90 -4.98
C LYS A 181 14.66 3.60 -4.86
N LYS A 182 14.25 2.91 -3.81
CA LYS A 182 12.84 2.58 -3.59
C LYS A 182 12.06 3.66 -2.83
N ILE A 183 12.75 4.67 -2.29
CA ILE A 183 12.11 5.68 -1.45
C ILE A 183 11.23 6.66 -2.22
N TYR A 184 11.54 6.86 -3.50
CA TYR A 184 10.73 7.78 -4.30
C TYR A 184 9.56 6.98 -4.84
N VAL A 185 8.57 6.78 -3.96
CA VAL A 185 7.48 5.86 -4.27
C VAL A 185 6.66 6.34 -5.44
N GLY B 5 -20.27 -20.57 -25.31
CA GLY B 5 -21.21 -19.71 -24.53
C GLY B 5 -20.76 -18.27 -24.33
N ASN B 6 -21.70 -17.46 -23.85
CA ASN B 6 -21.47 -16.06 -23.58
C ASN B 6 -20.82 -15.86 -22.21
N VAL B 7 -19.67 -15.20 -22.21
CA VAL B 7 -18.88 -14.95 -21.00
C VAL B 7 -18.62 -13.45 -20.89
N ASP B 8 -19.00 -12.87 -19.76
CA ASP B 8 -18.64 -11.49 -19.45
C ASP B 8 -17.52 -11.63 -18.42
N LEU B 9 -16.31 -11.25 -18.81
CA LEU B 9 -15.13 -11.41 -17.98
C LEU B 9 -14.64 -10.04 -17.55
N VAL B 10 -14.41 -9.86 -16.24
CA VAL B 10 -13.81 -8.64 -15.72
C VAL B 10 -12.40 -8.94 -15.20
N PHE B 11 -11.43 -8.12 -15.62
CA PHE B 11 -10.09 -8.09 -14.99
C PHE B 11 -10.13 -7.08 -13.87
N LEU B 12 -9.76 -7.53 -12.66
CA LEU B 12 -9.63 -6.65 -11.51
C LEU B 12 -8.15 -6.67 -11.18
N PHE B 13 -7.45 -5.58 -11.47
CA PHE B 13 -5.98 -5.58 -11.37
C PHE B 13 -5.47 -4.58 -10.33
N ASP B 14 -4.54 -5.07 -9.54
CA ASP B 14 -3.85 -4.39 -8.42
C ASP B 14 -3.02 -3.22 -8.94
N GLY B 15 -3.20 -2.04 -8.34
CA GLY B 15 -2.37 -0.88 -8.65
C GLY B 15 -1.70 -0.34 -7.40
N SER B 16 -1.36 -1.24 -6.49
CA SER B 16 -0.75 -0.85 -5.21
C SER B 16 0.65 -0.26 -5.35
N MET B 17 1.11 0.35 -4.25
CA MET B 17 2.42 1.00 -4.20
C MET B 17 3.62 0.05 -4.37
N SER B 18 3.42 -1.24 -4.13
CA SER B 18 4.50 -2.23 -4.21
C SER B 18 4.97 -2.48 -5.65
N LEU B 19 4.11 -2.22 -6.63
CA LEU B 19 4.44 -2.57 -8.01
C LEU B 19 5.42 -1.56 -8.62
N GLN B 20 6.51 -2.05 -9.19
CA GLN B 20 7.40 -1.19 -9.95
C GLN B 20 6.72 -0.87 -11.28
N PRO B 21 7.09 0.25 -11.91
CA PRO B 21 6.50 0.62 -13.20
C PRO B 21 6.54 -0.48 -14.23
N ASP B 22 7.64 -1.22 -14.31
CA ASP B 22 7.73 -2.31 -15.28
C ASP B 22 6.81 -3.50 -14.98
N GLU B 23 6.60 -3.77 -13.70
CA GLU B 23 5.69 -4.80 -13.25
C GLU B 23 4.25 -4.46 -13.56
N PHE B 24 3.86 -3.23 -13.27
CA PHE B 24 2.53 -2.73 -13.59
C PHE B 24 2.29 -2.86 -15.11
N GLN B 25 3.28 -2.47 -15.92
CA GLN B 25 3.14 -2.58 -17.38
C GLN B 25 2.97 -4.02 -17.83
N LYS B 26 3.65 -4.96 -17.20
CA LYS B 26 3.49 -6.37 -17.54
C LYS B 26 2.07 -6.87 -17.28
N ILE B 27 1.41 -6.35 -16.23
CA ILE B 27 0.01 -6.70 -15.96
C ILE B 27 -0.88 -6.19 -17.09
N LEU B 28 -0.66 -4.94 -17.50
CA LEU B 28 -1.41 -4.35 -18.61
C LEU B 28 -1.22 -5.13 -19.90
N ASP B 29 0.04 -5.46 -20.21
CA ASP B 29 0.38 -6.25 -21.41
C ASP B 29 -0.31 -7.60 -21.42
N PHE B 30 -0.35 -8.26 -20.27
CA PHE B 30 -1.02 -9.57 -20.16
C PHE B 30 -2.50 -9.48 -20.46
N MET B 31 -3.16 -8.43 -19.96
CA MET B 31 -4.61 -8.28 -20.18
C MET B 31 -4.86 -8.06 -21.65
N LYS B 32 -4.06 -7.19 -22.27
CA LYS B 32 -4.14 -6.94 -23.72
C LYS B 32 -3.98 -8.21 -24.53
N ASP B 33 -2.98 -9.04 -24.18
CA ASP B 33 -2.73 -10.28 -24.91
C ASP B 33 -3.92 -11.22 -24.83
N VAL B 34 -4.44 -11.40 -23.62
CA VAL B 34 -5.60 -12.26 -23.38
C VAL B 34 -6.80 -11.81 -24.24
N MET B 35 -7.08 -10.51 -24.24
CA MET B 35 -8.22 -9.99 -24.99
C MET B 35 -8.04 -10.17 -26.49
N LYS B 36 -6.84 -9.89 -26.98
CA LYS B 36 -6.51 -10.06 -28.40
C LYS B 36 -6.72 -11.51 -28.85
N LYS B 37 -6.28 -12.45 -28.02
CA LYS B 37 -6.41 -13.88 -28.31
C LYS B 37 -7.89 -14.34 -28.35
N LEU B 38 -8.72 -13.75 -27.49
CA LEU B 38 -10.14 -14.08 -27.42
C LEU B 38 -11.01 -13.09 -28.21
N SER B 39 -10.38 -12.30 -29.09
CA SER B 39 -11.10 -11.41 -29.99
C SER B 39 -11.94 -12.27 -30.93
N ASN B 40 -13.16 -11.83 -31.23
CA ASN B 40 -14.02 -12.59 -32.14
C ASN B 40 -14.42 -13.98 -31.60
N THR B 41 -14.54 -14.08 -30.27
CA THR B 41 -15.28 -15.15 -29.62
C THR B 41 -16.50 -14.47 -29.00
N SER B 42 -17.27 -15.22 -28.21
CA SER B 42 -18.43 -14.67 -27.50
C SER B 42 -18.06 -13.91 -26.21
N TYR B 43 -16.77 -13.77 -25.93
CA TYR B 43 -16.30 -13.08 -24.72
C TYR B 43 -16.45 -11.57 -24.84
N GLN B 44 -16.78 -10.93 -23.73
CA GLN B 44 -16.88 -9.48 -23.61
C GLN B 44 -16.09 -9.11 -22.35
N PHE B 45 -15.37 -7.98 -22.36
CA PHE B 45 -14.43 -7.64 -21.28
C PHE B 45 -14.68 -6.28 -20.64
N ALA B 46 -14.30 -6.18 -19.37
CA ALA B 46 -14.27 -4.91 -18.65
C ALA B 46 -13.00 -4.98 -17.79
N ALA B 47 -12.46 -3.84 -17.40
CA ALA B 47 -11.28 -3.82 -16.52
C ALA B 47 -11.40 -2.77 -15.44
N VAL B 48 -11.06 -3.17 -14.21
CA VAL B 48 -11.14 -2.29 -13.04
C VAL B 48 -9.78 -2.33 -12.36
N GLN B 49 -9.19 -1.16 -12.14
CA GLN B 49 -8.01 -1.04 -11.28
C GLN B 49 -8.42 -0.83 -9.82
N PHE B 50 -7.74 -1.51 -8.88
CA PHE B 50 -8.03 -1.28 -7.47
C PHE B 50 -6.74 -1.05 -6.71
N SER B 51 -6.82 -0.18 -5.72
CA SER B 51 -5.72 -0.01 -4.75
C SER B 51 -6.42 0.35 -3.43
N THR B 52 -6.43 1.62 -3.04
CA THR B 52 -7.29 2.03 -1.93
C THR B 52 -8.74 2.19 -2.42
N SER B 53 -8.87 2.85 -3.57
CA SER B 53 -10.15 3.01 -4.25
C SER B 53 -10.18 2.20 -5.56
N TYR B 54 -11.31 2.28 -6.27
CA TYR B 54 -11.57 1.44 -7.44
C TYR B 54 -11.94 2.33 -8.62
N LYS B 55 -11.44 1.99 -9.80
CA LYS B 55 -11.75 2.72 -11.03
C LYS B 55 -12.08 1.74 -12.17
N THR B 56 -13.27 1.86 -12.74
CA THR B 56 -13.55 1.15 -13.98
C THR B 56 -12.76 1.83 -15.08
N GLU B 57 -11.78 1.14 -15.65
CA GLU B 57 -10.95 1.71 -16.71
C GLU B 57 -11.68 1.65 -18.06
N PHE B 58 -12.38 0.54 -18.29
CA PHE B 58 -13.34 0.45 -19.40
C PHE B 58 -14.42 -0.55 -19.06
N ASP B 59 -15.61 -0.33 -19.61
CA ASP B 59 -16.71 -1.26 -19.35
C ASP B 59 -17.05 -2.04 -20.61
N PHE B 60 -17.99 -2.98 -20.46
CA PHE B 60 -18.32 -3.90 -21.54
C PHE B 60 -18.71 -3.16 -22.82
N SER B 61 -19.47 -2.07 -22.67
CA SER B 61 -19.91 -1.26 -23.80
C SER B 61 -18.74 -0.62 -24.52
N ASP B 62 -17.74 -0.17 -23.75
CA ASP B 62 -16.51 0.36 -24.33
C ASP B 62 -15.80 -0.68 -25.16
N TYR B 63 -15.74 -1.91 -24.64
CA TYR B 63 -15.06 -2.98 -25.33
C TYR B 63 -15.76 -3.28 -26.65
N VAL B 64 -17.09 -3.30 -26.61
CA VAL B 64 -17.92 -3.75 -27.74
C VAL B 64 -17.74 -2.91 -29.02
N LYS B 65 -17.46 -1.62 -28.86
CA LYS B 65 -17.40 -0.73 -30.03
C LYS B 65 -16.28 -1.08 -31.04
N TRP B 66 -15.05 -1.19 -30.58
CA TRP B 66 -13.89 -1.43 -31.47
C TRP B 66 -13.09 -2.71 -31.19
N LYS B 67 -13.28 -3.33 -30.02
CA LYS B 67 -12.51 -4.51 -29.64
C LYS B 67 -11.02 -4.21 -29.80
N ASP B 68 -10.58 -3.10 -29.22
CA ASP B 68 -9.21 -2.62 -29.38
C ASP B 68 -8.55 -2.47 -28.00
N PRO B 69 -7.93 -3.54 -27.51
CA PRO B 69 -7.28 -3.52 -26.19
C PRO B 69 -6.31 -2.35 -25.97
N ASP B 70 -5.48 -2.06 -26.97
CA ASP B 70 -4.46 -1.02 -26.86
C ASP B 70 -5.08 0.34 -26.58
N ALA B 71 -6.15 0.68 -27.29
CA ALA B 71 -6.86 1.94 -27.07
C ALA B 71 -7.60 1.96 -25.73
N LEU B 72 -8.14 0.81 -25.32
CA LEU B 72 -8.95 0.74 -24.10
C LEU B 72 -8.16 0.99 -22.81
N LEU B 73 -6.88 0.63 -22.82
CA LEU B 73 -6.02 0.73 -21.63
C LEU B 73 -4.95 1.81 -21.75
N LYS B 74 -5.12 2.74 -22.71
CA LYS B 74 -4.04 3.69 -23.01
C LYS B 74 -3.90 4.80 -21.97
N HIS B 75 -5.00 5.12 -21.28
CA HIS B 75 -5.01 6.21 -20.30
C HIS B 75 -4.92 5.74 -18.84
N VAL B 76 -4.56 4.48 -18.63
CA VAL B 76 -4.50 3.92 -17.27
C VAL B 76 -3.38 4.62 -16.51
N LYS B 77 -3.69 5.04 -15.29
CA LYS B 77 -2.72 5.65 -14.40
C LYS B 77 -2.61 4.84 -13.10
N HIS B 78 -1.38 4.45 -12.79
CA HIS B 78 -1.06 3.63 -11.63
C HIS B 78 -1.40 4.36 -10.31
N MET B 79 -2.31 3.79 -9.52
CA MET B 79 -2.83 4.44 -8.33
C MET B 79 -1.77 4.60 -7.22
N LEU B 80 -1.01 3.52 -6.98
CA LEU B 80 0.08 3.52 -5.99
C LEU B 80 -0.34 3.72 -4.55
N LEU B 81 -1.40 3.03 -4.11
CA LEU B 81 -1.83 3.08 -2.73
C LEU B 81 -1.94 1.67 -2.12
N LEU B 82 -2.98 1.38 -1.34
CA LEU B 82 -3.10 0.12 -0.61
C LEU B 82 -3.77 -0.97 -1.45
N THR B 83 -4.28 -2.03 -0.80
CA THR B 83 -4.75 -3.22 -1.51
C THR B 83 -6.13 -3.66 -0.98
N ASN B 84 -7.14 -2.88 -1.29
CA ASN B 84 -8.47 -3.12 -0.73
C ASN B 84 -9.24 -4.16 -1.56
N THR B 85 -8.79 -5.41 -1.48
CA THR B 85 -9.31 -6.51 -2.31
C THR B 85 -10.77 -6.83 -2.00
N PHE B 86 -11.16 -6.85 -0.72
CA PHE B 86 -12.58 -7.11 -0.40
C PHE B 86 -13.49 -6.05 -1.00
N GLY B 87 -13.12 -4.79 -0.80
CA GLY B 87 -13.89 -3.67 -1.31
C GLY B 87 -13.99 -3.71 -2.82
N ALA B 88 -12.88 -4.10 -3.45
CA ALA B 88 -12.82 -4.18 -4.90
C ALA B 88 -13.70 -5.26 -5.51
N ILE B 89 -13.73 -6.44 -4.89
CA ILE B 89 -14.60 -7.53 -5.38
C ILE B 89 -16.07 -7.10 -5.24
N ASN B 90 -16.40 -6.54 -4.07
CA ASN B 90 -17.76 -6.00 -3.87
C ASN B 90 -18.15 -4.93 -4.87
N TYR B 91 -17.24 -4.03 -5.15
CA TYR B 91 -17.41 -3.02 -6.18
C TYR B 91 -17.75 -3.68 -7.52
N VAL B 92 -16.97 -4.67 -7.92
CA VAL B 92 -17.22 -5.34 -9.21
C VAL B 92 -18.61 -6.00 -9.22
N ALA B 93 -18.93 -6.72 -8.15
CA ALA B 93 -20.18 -7.49 -8.07
C ALA B 93 -21.42 -6.60 -8.14
N THR B 94 -21.34 -5.41 -7.55
CA THR B 94 -22.50 -4.52 -7.42
C THR B 94 -22.50 -3.27 -8.28
N GLU B 95 -21.38 -2.94 -8.93
CA GLU B 95 -21.35 -1.73 -9.78
C GLU B 95 -20.89 -1.94 -11.24
N VAL B 96 -20.27 -3.08 -11.54
CA VAL B 96 -19.71 -3.33 -12.87
C VAL B 96 -20.58 -4.30 -13.67
N PHE B 97 -20.99 -5.39 -13.05
CA PHE B 97 -21.89 -6.35 -13.69
C PHE B 97 -23.31 -5.76 -13.62
N ARG B 98 -23.56 -4.80 -14.50
CA ARG B 98 -24.84 -4.09 -14.61
C ARG B 98 -25.22 -4.00 -16.09
N GLU B 99 -26.49 -4.24 -16.40
CA GLU B 99 -26.96 -4.11 -17.79
C GLU B 99 -26.68 -2.71 -18.37
N GLU B 100 -26.71 -1.70 -17.52
CA GLU B 100 -26.52 -0.31 -17.95
C GLU B 100 -25.13 -0.07 -18.55
N LEU B 101 -24.14 -0.82 -18.09
CA LEU B 101 -22.76 -0.70 -18.58
C LEU B 101 -22.37 -1.78 -19.60
N GLY B 102 -23.36 -2.53 -20.10
CA GLY B 102 -23.14 -3.46 -21.21
C GLY B 102 -23.13 -4.94 -20.88
N ALA B 103 -23.24 -5.29 -19.60
CA ALA B 103 -23.29 -6.70 -19.21
C ALA B 103 -24.56 -7.36 -19.75
N ARG B 104 -24.47 -8.64 -20.07
CA ARG B 104 -25.56 -9.40 -20.68
C ARG B 104 -26.22 -10.33 -19.65
N PRO B 105 -27.54 -10.32 -19.56
CA PRO B 105 -28.26 -11.07 -18.51
C PRO B 105 -28.02 -12.59 -18.56
N ASP B 106 -27.84 -13.13 -19.76
CA ASP B 106 -27.67 -14.57 -19.95
C ASP B 106 -26.21 -15.06 -19.80
N ALA B 107 -25.27 -14.15 -19.60
CA ALA B 107 -23.84 -14.48 -19.65
C ALA B 107 -23.32 -15.12 -18.36
N THR B 108 -22.31 -15.98 -18.49
CA THR B 108 -21.58 -16.48 -17.33
C THR B 108 -20.64 -15.36 -16.90
N LYS B 109 -20.58 -15.11 -15.60
CA LYS B 109 -19.77 -14.02 -15.05
C LYS B 109 -18.46 -14.59 -14.55
N VAL B 110 -17.35 -14.02 -15.04
CA VAL B 110 -16.02 -14.44 -14.63
C VAL B 110 -15.22 -13.20 -14.21
N LEU B 111 -14.53 -13.35 -13.09
CA LEU B 111 -13.62 -12.33 -12.56
C LEU B 111 -12.22 -12.94 -12.48
N ILE B 112 -11.24 -12.27 -13.06
CA ILE B 112 -9.83 -12.63 -12.91
C ILE B 112 -9.21 -11.52 -12.08
N ILE B 113 -8.69 -11.88 -10.92
CA ILE B 113 -8.11 -10.91 -9.99
C ILE B 113 -6.61 -11.08 -10.11
N ILE B 114 -5.89 -9.98 -10.35
CA ILE B 114 -4.45 -10.04 -10.48
C ILE B 114 -3.88 -9.17 -9.37
N THR B 115 -3.08 -9.75 -8.49
CA THR B 115 -2.62 -9.01 -7.32
C THR B 115 -1.19 -9.39 -6.95
N ASP B 116 -0.49 -8.48 -6.27
CA ASP B 116 0.86 -8.76 -5.80
C ASP B 116 1.00 -8.62 -4.28
N GLY B 117 -0.11 -8.65 -3.55
CA GLY B 117 -0.03 -8.65 -2.11
C GLY B 117 -1.28 -9.12 -1.39
N GLU B 118 -1.13 -9.27 -0.08
CA GLU B 118 -2.23 -9.63 0.81
C GLU B 118 -3.18 -8.44 0.93
N ALA B 119 -4.46 -8.72 1.17
CA ALA B 119 -5.46 -7.70 1.31
C ALA B 119 -5.22 -6.79 2.52
N THR B 120 -5.49 -5.51 2.34
CA THR B 120 -5.46 -4.53 3.40
C THR B 120 -6.73 -4.60 4.24
N ASP B 121 -7.83 -4.85 3.56
CA ASP B 121 -9.14 -4.76 4.20
C ASP B 121 -9.70 -6.11 4.62
N SER B 122 -10.91 -6.10 5.19
CA SER B 122 -11.56 -7.34 5.58
C SER B 122 -13.03 -7.19 5.29
N GLY B 123 -13.78 -8.26 5.43
CA GLY B 123 -15.22 -8.20 5.16
C GLY B 123 -15.68 -9.52 4.60
N ASN B 124 -16.61 -9.45 3.65
CA ASN B 124 -17.16 -10.64 3.02
C ASN B 124 -17.39 -10.34 1.55
N ILE B 125 -17.44 -11.38 0.76
CA ILE B 125 -17.70 -11.22 -0.66
C ILE B 125 -18.99 -11.95 -1.05
N ASP B 126 -19.96 -11.97 -0.15
CA ASP B 126 -21.23 -12.63 -0.43
C ASP B 126 -21.85 -12.15 -1.74
N ALA B 127 -21.70 -10.86 -2.05
CA ALA B 127 -22.23 -10.31 -3.29
C ALA B 127 -21.62 -10.95 -4.56
N ALA B 128 -20.44 -11.56 -4.45
CA ALA B 128 -19.77 -12.14 -5.62
C ALA B 128 -19.89 -13.66 -5.70
N LYS B 129 -20.72 -14.23 -4.84
CA LYS B 129 -20.86 -15.69 -4.72
C LYS B 129 -21.14 -16.38 -6.05
N ASP B 130 -21.98 -15.75 -6.87
CA ASP B 130 -22.38 -16.28 -8.18
C ASP B 130 -21.43 -15.96 -9.33
N ILE B 131 -20.26 -15.38 -9.03
CA ILE B 131 -19.24 -15.09 -10.05
C ILE B 131 -18.14 -16.11 -9.93
N ILE B 132 -17.67 -16.64 -11.05
CA ILE B 132 -16.51 -17.54 -11.05
C ILE B 132 -15.26 -16.68 -10.88
N ARG B 133 -14.44 -17.01 -9.89
CA ARG B 133 -13.32 -16.15 -9.51
C ARG B 133 -11.99 -16.89 -9.62
N TYR B 134 -11.13 -16.39 -10.53
CA TYR B 134 -9.73 -16.83 -10.61
C TYR B 134 -8.86 -15.76 -9.98
N ILE B 135 -7.85 -16.16 -9.23
CA ILE B 135 -6.92 -15.18 -8.64
C ILE B 135 -5.48 -15.56 -8.99
N ILE B 136 -4.73 -14.57 -9.48
CA ILE B 136 -3.36 -14.74 -9.88
C ILE B 136 -2.55 -13.87 -8.92
N GLY B 137 -1.76 -14.52 -8.06
CA GLY B 137 -0.93 -13.82 -7.08
C GLY B 137 0.49 -13.88 -7.57
N ILE B 138 1.15 -12.74 -7.65
CA ILE B 138 2.45 -12.67 -8.30
C ILE B 138 3.51 -12.11 -7.39
N GLY B 139 4.66 -12.77 -7.32
CA GLY B 139 5.88 -12.12 -6.87
C GLY B 139 6.27 -12.32 -5.43
N LYS B 140 7.09 -11.40 -4.94
CA LYS B 140 7.84 -11.66 -3.72
C LYS B 140 6.98 -11.77 -2.47
N HIS B 141 5.80 -11.18 -2.47
CA HIS B 141 4.93 -11.25 -1.30
C HIS B 141 4.14 -12.54 -1.15
N PHE B 142 4.28 -13.44 -2.12
CA PHE B 142 3.64 -14.74 -2.04
C PHE B 142 4.65 -15.89 -2.01
N GLN B 143 5.82 -15.65 -1.44
CA GLN B 143 6.83 -16.70 -1.36
C GLN B 143 6.53 -17.77 -0.29
N THR B 144 5.83 -17.40 0.78
CA THR B 144 5.45 -18.37 1.82
C THR B 144 4.10 -19.01 1.54
N LYS B 145 3.92 -20.27 1.95
CA LYS B 145 2.63 -20.95 1.80
C LYS B 145 1.53 -20.19 2.54
N GLU B 146 1.84 -19.69 3.73
CA GLU B 146 0.91 -18.92 4.52
C GLU B 146 0.28 -17.75 3.74
N SER B 147 1.10 -16.95 3.07
CA SER B 147 0.61 -15.79 2.33
C SER B 147 -0.25 -16.24 1.14
N GLN B 148 0.15 -17.33 0.50
CA GLN B 148 -0.57 -17.85 -0.67
C GLN B 148 -1.98 -18.29 -0.24
N GLU B 149 -2.07 -18.90 0.93
CA GLU B 149 -3.33 -19.42 1.43
C GLU B 149 -4.33 -18.32 1.81
N THR B 150 -3.85 -17.08 2.06
CA THR B 150 -4.76 -15.96 2.28
C THR B 150 -5.60 -15.63 1.04
N LEU B 151 -5.17 -16.08 -0.14
CA LEU B 151 -5.91 -15.81 -1.36
C LEU B 151 -7.08 -16.76 -1.62
N HIS B 152 -7.11 -17.89 -0.90
CA HIS B 152 -8.12 -18.93 -1.17
C HIS B 152 -9.55 -18.47 -0.95
N LYS B 153 -9.73 -17.59 0.03
CA LYS B 153 -11.07 -17.08 0.39
C LYS B 153 -11.70 -16.21 -0.71
N PHE B 154 -10.87 -15.65 -1.58
CA PHE B 154 -11.38 -14.83 -2.67
C PHE B 154 -11.72 -15.64 -3.91
N ALA B 155 -11.20 -16.85 -4.03
CA ALA B 155 -11.31 -17.60 -5.26
C ALA B 155 -12.48 -18.56 -5.17
N SER B 156 -12.96 -18.99 -6.33
CA SER B 156 -13.88 -20.12 -6.41
C SER B 156 -13.14 -21.37 -5.97
N LYS B 157 -13.88 -22.43 -5.67
CA LYS B 157 -13.29 -23.62 -5.08
C LYS B 157 -13.34 -24.78 -6.07
N PRO B 158 -12.33 -25.66 -6.09
CA PRO B 158 -11.23 -25.68 -5.12
C PRO B 158 -10.07 -24.75 -5.51
N ALA B 159 -9.25 -24.35 -4.54
CA ALA B 159 -8.11 -23.46 -4.83
C ALA B 159 -7.10 -24.06 -5.80
N SER B 160 -6.95 -25.39 -5.80
CA SER B 160 -6.04 -26.05 -6.73
C SER B 160 -6.34 -25.71 -8.19
N GLU B 161 -7.58 -25.32 -8.47
CA GLU B 161 -8.02 -24.97 -9.80
C GLU B 161 -7.99 -23.46 -10.05
N PHE B 162 -8.36 -22.68 -9.02
CA PHE B 162 -8.67 -21.27 -9.25
C PHE B 162 -7.66 -20.29 -8.71
N VAL B 163 -6.67 -20.76 -7.95
CA VAL B 163 -5.60 -19.88 -7.45
C VAL B 163 -4.32 -20.25 -8.21
N LYS B 164 -3.71 -19.26 -8.85
CA LYS B 164 -2.45 -19.42 -9.56
C LYS B 164 -1.41 -18.52 -8.89
N ILE B 165 -0.29 -19.09 -8.45
CA ILE B 165 0.80 -18.31 -7.84
C ILE B 165 1.98 -18.30 -8.82
N LEU B 166 2.43 -17.10 -9.19
CA LEU B 166 3.57 -16.95 -10.09
C LEU B 166 4.71 -16.32 -9.32
N ASP B 167 5.91 -16.86 -9.45
CA ASP B 167 7.03 -16.28 -8.74
C ASP B 167 7.55 -14.97 -9.34
N THR B 168 7.36 -14.77 -10.65
CA THR B 168 7.78 -13.56 -11.35
C THR B 168 6.69 -13.04 -12.29
N PHE B 169 6.79 -11.77 -12.68
CA PHE B 169 5.86 -11.20 -13.65
C PHE B 169 6.11 -11.77 -15.04
N GLU B 170 7.34 -12.20 -15.28
CA GLU B 170 7.68 -12.86 -16.54
C GLU B 170 6.81 -14.11 -16.81
N LYS B 171 6.44 -14.81 -15.74
CA LYS B 171 5.63 -16.02 -15.85
C LYS B 171 4.20 -15.77 -16.35
N LEU B 172 3.79 -14.51 -16.44
CA LEU B 172 2.47 -14.21 -17.00
C LEU B 172 2.40 -14.68 -18.47
N LYS B 173 3.54 -14.63 -19.15
CA LYS B 173 3.65 -15.17 -20.52
C LYS B 173 3.39 -16.67 -20.58
N ASP B 174 3.92 -17.40 -19.61
CA ASP B 174 3.63 -18.84 -19.49
C ASP B 174 2.15 -19.10 -19.24
N LEU B 175 1.54 -18.29 -18.39
CA LEU B 175 0.13 -18.48 -18.04
C LEU B 175 -0.72 -18.24 -19.29
N PHE B 176 -0.34 -17.23 -20.06
CA PHE B 176 -0.99 -16.91 -21.33
C PHE B 176 -0.98 -18.11 -22.29
N THR B 177 0.13 -18.84 -22.35
CA THR B 177 0.25 -20.04 -23.19
C THR B 177 -0.80 -21.10 -22.82
N GLU B 178 -1.15 -21.17 -21.53
CA GLU B 178 -2.16 -22.13 -21.04
C GLU B 178 -3.58 -21.78 -21.48
N LEU B 179 -3.77 -20.57 -22.01
CA LEU B 179 -5.07 -20.11 -22.48
C LEU B 179 -5.35 -20.71 -23.85
MG MG C . 12.33 3.24 24.53
O70 LA1 D . 8.64 -0.25 -0.25
C69 LA1 D . 9.19 0.80 -0.54
N71 LA1 D . 8.96 1.47 -1.68
C73 LA1 D . 8.04 1.00 -2.69
C30 LA1 D . 10.17 1.44 0.43
C49 LA1 D . 11.18 0.40 0.96
C52 LA1 D . 12.16 0.94 1.99
C59 LA1 D . 12.10 0.50 3.34
C58 LA1 D . 13.01 0.97 4.29
C61 LA1 D . 12.97 0.55 5.64
C63 LA1 D . 13.90 1.06 6.55
C65 LA1 D . 14.88 1.97 6.14
C67 LA1 D . 14.91 2.40 4.81
C57 LA1 D . 13.97 1.90 3.90
C55 LA1 D . 14.02 2.32 2.57
C53 LA1 D . 13.11 1.85 1.63
N2 LA1 D . 9.41 2.06 1.51
C3 LA1 D . 8.71 1.24 2.49
C6 LA1 D . 7.19 1.39 2.32
C9 LA1 D . 6.56 2.71 2.76
O10 LA1 D . 5.36 2.66 3.00
N11 LA1 D . 7.17 3.89 2.86
C12 LA1 D . 8.59 4.12 2.64
C14 LA1 D . 9.29 4.00 4.05
C17 LA1 D . 10.82 4.23 4.11
C23 LA1 D . 11.32 3.95 5.55
C19 LA1 D . 11.17 5.65 3.68
C1 LA1 D . 9.32 3.40 1.55
O32 LA1 D . 9.88 4.13 0.72
C27 LA1 D . 6.35 5.02 3.30
C33 LA1 D . 5.72 5.68 2.11
C39 LA1 D . 4.40 5.27 1.67
C38 LA1 D . 3.80 5.98 0.49
C41 LA1 D . 2.53 5.62 0.03
C43 LA1 D . 2.00 6.29 -1.08
C45 LA1 D . 2.71 7.31 -1.71
C47 LA1 D . 3.99 7.67 -1.25
C37 LA1 D . 4.52 6.99 -0.15
N36 LA1 D . 5.81 7.34 0.36
C34 LA1 D . 6.39 6.65 1.50
MG MG E . 1.09 -4.67 -3.62
#